data_8TMU
#
_entry.id   8TMU
#
_cell.length_a   92.690
_cell.length_b   92.690
_cell.length_c   200.980
_cell.angle_alpha   90.000
_cell.angle_beta   90.000
_cell.angle_gamma   90.000
#
_symmetry.space_group_name_H-M   'P 43 21 2'
#
loop_
_entity.id
_entity.type
_entity.pdbx_description
1 polymer HLA-B*73:01
2 polymer Beta-2-microglobulin
3 polymer 'Killer cell immunoglobulin-like receptor 2DL2'
4 polymer KP1
5 non-polymer GLYCEROL
6 non-polymer DI(HYDROXYETHYL)ETHER
7 non-polymer 2-acetamido-2-deoxy-beta-D-glucopyranose
8 water water
#
loop_
_entity_poly.entity_id
_entity_poly.type
_entity_poly.pdbx_seq_one_letter_code
_entity_poly.pdbx_strand_id
1 'polypeptide(L)'
;MGSHSMRYFHTSVSRPGRGEPRFITVGYVDDTQFVRFDSDAASPREEPRAPWIEQEGPEYWDRNTQICKAKAQTDRVGLR
NLRGYYNQSEDGSHTWQTMYGCDMGPDGRLLRGYNQFAYDGKDYIALNEDLRSWTAADTAAQITQRKWEAARVAEQLRAY
LEGECVEWLRRHLENGKETLQRADPPKTHVTHHPISDHEATLRCWALGFYPAEITLTWQRDGEDQTQDTELVETRPAGDG
TFQKWAAVVVPSGQEQRYTCHVQHEGLQEPLTLRWKP
;
A
2 'polypeptide(L)'
;MGIQRTPKIQVYSRHPAENGKSNFLNCYVSGFHPSDIEVDLLKNGERIEKVEHSDLSFSKDWSFYLLYYTEFTPTEKDEY
ACRVNHVTLSQPKIVKWDRDM
;
B
3 'polypeptide(L)'
;HEGVHRKPSLLAHPGRLVKSEETVILQCWSDVRFEHFLLHREGKFKDTLHLIGEHHDGVSKANFSIGPMMQDLAGTYRCY
GSVTHSPYQLSAPSDPLDIVITGLYEKPSLSAQPGPTVLAGESVTLSCSSRSSYDMYHLSREGEAHECRFSAGPKVNGTF
QADFPLGPATHGGTYRCFGSFRDSPYEWSNSSDPLLVSVIGNPSNSWPSPTEPSSKTGNPRHLHL
;
C
4 'polypeptide(L)' NRFAGFGIGL E
#
# COMPACT_ATOMS: atom_id res chain seq x y z
N GLY A 2 22.92 18.40 6.68
CA GLY A 2 23.28 19.55 5.87
C GLY A 2 22.20 20.61 5.82
N SER A 3 21.28 20.46 4.86
CA SER A 3 20.15 21.38 4.70
C SER A 3 18.89 20.63 5.12
N HIS A 4 18.57 20.70 6.40
CA HIS A 4 17.41 20.02 6.95
C HIS A 4 16.16 20.88 6.76
N SER A 5 15.00 20.22 6.83
CA SER A 5 13.75 20.89 6.52
C SER A 5 12.59 20.25 7.26
N MET A 6 11.58 21.06 7.54
CA MET A 6 10.29 20.62 8.06
C MET A 6 9.23 20.88 7.01
N ARG A 7 8.30 19.93 6.86
CA ARG A 7 7.33 20.03 5.77
C ARG A 7 5.99 19.43 6.19
N TYR A 8 4.92 20.20 5.99
CA TYR A 8 3.56 19.75 6.25
C TYR A 8 2.81 19.63 4.93
N PHE A 9 2.24 18.45 4.68
CA PHE A 9 1.53 18.17 3.44
C PHE A 9 0.05 17.97 3.74
N HIS A 10 -0.81 18.46 2.84
CA HIS A 10 -2.25 18.38 3.00
C HIS A 10 -2.90 17.97 1.69
N THR A 11 -3.93 17.14 1.78
CA THR A 11 -4.68 16.69 0.61
C THR A 11 -6.16 16.70 0.94
N SER A 12 -6.94 17.44 0.17
CA SER A 12 -8.38 17.53 0.34
C SER A 12 -9.07 17.11 -0.94
N VAL A 13 -9.85 16.03 -0.87
CA VAL A 13 -10.54 15.47 -2.02
C VAL A 13 -12.04 15.51 -1.75
N SER A 14 -12.79 16.08 -2.69
CA SER A 14 -14.24 16.17 -2.54
C SER A 14 -14.91 14.87 -2.93
N ARG A 15 -15.95 14.50 -2.19
CA ARG A 15 -16.74 13.30 -2.44
C ARG A 15 -18.19 13.71 -2.57
N PRO A 16 -18.67 13.92 -3.80
CA PRO A 16 -20.04 14.45 -3.99
C PRO A 16 -21.12 13.58 -3.34
N GLY A 17 -21.28 12.36 -3.82
CA GLY A 17 -22.31 11.48 -3.29
C GLY A 17 -22.06 10.95 -1.90
N ARG A 18 -20.97 11.35 -1.24
CA ARG A 18 -20.62 10.82 0.07
C ARG A 18 -20.37 11.92 1.10
N GLY A 19 -20.87 13.12 0.86
CA GLY A 19 -20.87 14.15 1.88
C GLY A 19 -19.60 14.99 1.89
N GLU A 20 -19.01 15.17 3.06
CA GLU A 20 -17.91 16.10 3.24
C GLU A 20 -16.63 15.59 2.57
N PRO A 21 -15.71 16.49 2.23
CA PRO A 21 -14.46 16.06 1.59
C PRO A 21 -13.56 15.29 2.55
N ARG A 22 -12.71 14.45 1.97
CA ARG A 22 -11.71 13.72 2.72
C ARG A 22 -10.45 14.58 2.87
N PHE A 23 -9.93 14.66 4.09
CA PHE A 23 -8.79 15.51 4.40
C PHE A 23 -7.71 14.68 5.07
N ILE A 24 -6.59 14.49 4.38
CA ILE A 24 -5.42 13.81 4.92
C ILE A 24 -4.28 14.81 4.94
N THR A 25 -3.69 15.00 6.12
CA THR A 25 -2.52 15.84 6.26
C THR A 25 -1.44 15.10 7.03
N VAL A 26 -0.19 15.45 6.73
CA VAL A 26 0.95 14.70 7.24
C VAL A 26 2.12 15.67 7.45
N GLY A 27 2.99 15.32 8.38
CA GLY A 27 4.14 16.17 8.70
C GLY A 27 5.43 15.39 8.60
N TYR A 28 6.45 16.04 8.03
CA TYR A 28 7.73 15.41 7.75
C TYR A 28 8.86 16.29 8.25
N VAL A 29 9.88 15.65 8.82
CA VAL A 29 11.16 16.29 9.11
C VAL A 29 12.21 15.47 8.37
N ASP A 30 12.54 15.88 7.15
CA ASP A 30 13.58 15.26 6.33
C ASP A 30 13.34 13.76 6.17
N ASP A 31 12.34 13.45 5.35
CA ASP A 31 12.01 12.10 4.89
C ASP A 31 11.47 11.20 6.00
N THR A 32 11.28 11.69 7.22
CA THR A 32 10.64 10.93 8.28
C THR A 32 9.36 11.61 8.69
N GLN A 33 8.30 10.83 8.83
CA GLN A 33 6.98 11.33 9.20
C GLN A 33 6.81 11.24 10.71
N PHE A 34 6.21 12.27 11.30
CA PHE A 34 6.00 12.30 12.74
C PHE A 34 4.58 12.61 13.18
N VAL A 35 3.71 13.11 12.30
CA VAL A 35 2.33 13.41 12.65
C VAL A 35 1.41 13.08 11.48
N ARG A 36 0.14 12.87 11.81
CA ARG A 36 -0.89 12.64 10.81
C ARG A 36 -2.23 13.08 11.38
N PHE A 37 -3.15 13.40 10.48
CA PHE A 37 -4.52 13.74 10.83
C PHE A 37 -5.42 13.27 9.70
N ASP A 38 -6.43 12.48 10.03
CA ASP A 38 -7.33 11.90 9.04
C ASP A 38 -8.74 12.38 9.32
N SER A 39 -9.36 12.99 8.31
CA SER A 39 -10.75 13.39 8.42
C SER A 39 -11.66 12.18 8.65
N ASP A 40 -11.31 11.03 8.05
CA ASP A 40 -12.10 9.81 8.18
C ASP A 40 -11.66 8.93 9.33
N ALA A 41 -11.12 9.51 10.39
CA ALA A 41 -10.79 8.77 11.59
C ALA A 41 -11.95 8.81 12.58
N ALA A 42 -11.94 7.86 13.52
CA ALA A 42 -13.00 7.80 14.51
C ALA A 42 -13.02 9.06 15.36
N SER A 43 -11.91 9.33 16.06
CA SER A 43 -11.71 10.58 16.79
C SER A 43 -10.62 11.36 16.08
N PRO A 44 -10.95 12.14 15.04
CA PRO A 44 -9.91 12.81 14.25
C PRO A 44 -9.10 13.78 15.07
N ARG A 45 -7.80 13.52 15.15
CA ARG A 45 -6.88 14.35 15.92
C ARG A 45 -5.47 14.14 15.39
N GLU A 46 -4.60 15.09 15.68
CA GLU A 46 -3.19 14.99 15.35
C GLU A 46 -2.56 13.91 16.20
N GLU A 47 -2.32 12.73 15.60
CA GLU A 47 -1.73 11.68 16.40
C GLU A 47 -0.25 11.50 16.08
N PRO A 48 0.54 11.08 17.07
CA PRO A 48 1.98 10.90 16.83
C PRO A 48 2.24 9.75 15.86
N ARG A 49 3.24 9.95 15.00
CA ARG A 49 3.67 8.92 14.06
C ARG A 49 5.18 8.68 14.13
N ALA A 50 5.85 9.20 15.15
CA ALA A 50 7.26 8.99 15.39
C ALA A 50 7.47 8.85 16.89
N PRO A 51 8.41 8.00 17.32
CA PRO A 51 8.56 7.77 18.76
C PRO A 51 9.06 8.98 19.54
N TRP A 52 9.78 9.90 18.88
CA TRP A 52 10.37 11.03 19.58
C TRP A 52 9.39 12.17 19.82
N ILE A 53 8.26 12.20 19.10
CA ILE A 53 7.26 13.25 19.29
C ILE A 53 6.25 12.91 20.38
N GLU A 54 6.19 11.65 20.83
CA GLU A 54 5.18 11.27 21.81
C GLU A 54 5.38 11.96 23.15
N GLN A 55 6.57 12.53 23.40
CA GLN A 55 6.83 13.19 24.68
C GLN A 55 6.16 14.55 24.80
N GLU A 56 5.60 15.08 23.72
CA GLU A 56 5.01 16.41 23.77
C GLU A 56 3.76 16.41 24.64
N GLY A 57 3.60 17.47 25.43
CA GLY A 57 2.46 17.61 26.30
C GLY A 57 1.17 17.78 25.53
N PRO A 58 0.03 17.72 26.23
CA PRO A 58 -1.25 17.87 25.54
C PRO A 58 -1.44 19.22 24.88
N GLU A 59 -0.66 20.24 25.29
CA GLU A 59 -0.76 21.54 24.65
C GLU A 59 -0.36 21.47 23.18
N TYR A 60 0.68 20.70 22.87
CA TYR A 60 1.08 20.53 21.47
C TYR A 60 -0.01 19.85 20.66
N TRP A 61 -0.59 18.78 21.20
CA TRP A 61 -1.59 18.02 20.46
C TRP A 61 -2.90 18.78 20.36
N ASP A 62 -3.37 19.35 21.47
CA ASP A 62 -4.64 20.07 21.47
C ASP A 62 -4.57 21.28 20.54
N ARG A 63 -3.47 22.02 20.58
CA ARG A 63 -3.36 23.22 19.75
C ARG A 63 -3.23 22.86 18.28
N ASN A 64 -2.44 21.82 17.95
CA ASN A 64 -2.25 21.45 16.56
C ASN A 64 -3.41 20.64 16.00
N THR A 65 -4.24 20.03 16.86
CA THR A 65 -5.44 19.37 16.36
C THR A 65 -6.46 20.40 15.89
N GLN A 66 -6.67 21.46 16.69
CA GLN A 66 -7.57 22.53 16.26
C GLN A 66 -7.06 23.22 15.02
N ILE A 67 -5.75 23.12 14.73
CA ILE A 67 -5.19 23.76 13.55
C ILE A 67 -5.74 23.11 12.28
N CYS A 68 -5.44 21.81 12.10
CA CYS A 68 -5.88 21.12 10.90
C CYS A 68 -7.39 20.89 10.90
N LYS A 69 -8.03 20.92 12.07
CA LYS A 69 -9.50 20.92 12.10
C LYS A 69 -10.04 22.13 11.35
N ALA A 70 -9.49 23.32 11.62
CA ALA A 70 -9.89 24.51 10.90
C ALA A 70 -9.37 24.49 9.46
N LYS A 71 -8.25 23.81 9.22
CA LYS A 71 -7.73 23.72 7.86
C LYS A 71 -8.63 22.86 6.98
N ALA A 72 -9.21 21.81 7.56
CA ALA A 72 -10.13 20.97 6.80
C ALA A 72 -11.38 21.75 6.39
N GLN A 73 -11.84 22.65 7.27
CA GLN A 73 -12.97 23.50 6.92
C GLN A 73 -12.57 24.53 5.87
N THR A 74 -11.35 25.07 5.98
CA THR A 74 -10.86 26.01 4.98
C THR A 74 -10.81 25.37 3.60
N ASP A 75 -10.38 24.11 3.52
CA ASP A 75 -10.29 23.43 2.24
C ASP A 75 -11.67 23.06 1.70
N ARG A 76 -12.60 22.69 2.60
CA ARG A 76 -13.96 22.42 2.16
C ARG A 76 -14.58 23.65 1.51
N VAL A 77 -14.41 24.81 2.14
CA VAL A 77 -14.84 26.06 1.51
C VAL A 77 -14.07 26.32 0.24
N GLY A 78 -12.75 26.04 0.26
CA GLY A 78 -11.92 26.37 -0.88
C GLY A 78 -12.19 25.49 -2.09
N LEU A 79 -12.24 24.18 -1.88
CA LEU A 79 -12.58 23.25 -2.96
C LEU A 79 -13.89 23.65 -3.62
N ARG A 80 -14.88 24.01 -2.80
CA ARG A 80 -16.18 24.42 -3.32
C ARG A 80 -16.08 25.67 -4.18
N ASN A 81 -15.28 26.65 -3.74
CA ASN A 81 -15.12 27.87 -4.53
C ASN A 81 -14.47 27.59 -5.87
N LEU A 82 -13.43 26.75 -5.87
CA LEU A 82 -12.71 26.44 -7.11
C LEU A 82 -13.65 25.88 -8.18
N ARG A 83 -14.69 25.16 -7.77
CA ARG A 83 -15.62 24.61 -8.75
C ARG A 83 -16.30 25.71 -9.56
N GLY A 84 -16.56 26.86 -8.92
CA GLY A 84 -17.10 27.99 -9.65
C GLY A 84 -16.06 28.77 -10.41
N TYR A 85 -14.82 28.81 -9.88
CA TYR A 85 -13.74 29.50 -10.58
C TYR A 85 -13.48 28.86 -11.94
N TYR A 86 -13.59 27.53 -12.02
CA TYR A 86 -13.31 26.80 -13.24
C TYR A 86 -14.58 26.30 -13.93
N ASN A 87 -15.76 26.78 -13.49
N ASN A 87 -15.76 26.78 -13.49
CA ASN A 87 -17.04 26.44 -14.12
CA ASN A 87 -17.05 26.46 -14.12
C ASN A 87 -17.28 24.94 -14.15
C ASN A 87 -17.27 24.94 -14.15
N GLN A 88 -17.19 24.33 -12.97
CA GLN A 88 -17.39 22.89 -12.81
C GLN A 88 -18.63 22.62 -11.97
N SER A 89 -19.24 21.46 -12.21
CA SER A 89 -20.45 21.06 -11.51
C SER A 89 -20.11 20.31 -10.23
N GLU A 90 -21.14 19.93 -9.48
CA GLU A 90 -20.97 19.26 -8.20
C GLU A 90 -20.68 17.77 -8.33
N ASP A 91 -21.06 17.16 -9.46
CA ASP A 91 -21.01 15.72 -9.59
C ASP A 91 -19.60 15.16 -9.72
N GLY A 92 -18.58 16.01 -9.88
CA GLY A 92 -17.22 15.56 -10.05
C GLY A 92 -16.40 15.68 -8.78
N SER A 93 -15.40 14.81 -8.65
CA SER A 93 -14.48 14.86 -7.52
C SER A 93 -13.25 15.66 -7.90
N HIS A 94 -12.74 16.44 -6.95
CA HIS A 94 -11.62 17.35 -7.20
C HIS A 94 -10.68 17.33 -6.00
N THR A 95 -9.42 17.68 -6.27
CA THR A 95 -8.35 17.62 -5.28
C THR A 95 -7.75 19.00 -5.05
N TRP A 96 -7.43 19.30 -3.80
CA TRP A 96 -6.79 20.56 -3.42
C TRP A 96 -5.61 20.26 -2.51
N GLN A 97 -4.40 20.26 -3.07
CA GLN A 97 -3.19 19.98 -2.32
C GLN A 97 -2.54 21.28 -1.87
N THR A 98 -1.99 21.27 -0.67
CA THR A 98 -1.32 22.42 -0.09
C THR A 98 -0.13 21.95 0.72
N MET A 99 0.97 22.70 0.64
CA MET A 99 2.22 22.27 1.27
C MET A 99 3.04 23.48 1.65
N TYR A 100 3.42 23.58 2.93
CA TYR A 100 4.29 24.63 3.42
C TYR A 100 5.39 24.02 4.29
N GLY A 101 6.38 24.84 4.60
CA GLY A 101 7.48 24.39 5.43
C GLY A 101 8.64 25.36 5.35
N CYS A 102 9.77 24.92 5.89
CA CYS A 102 10.97 25.76 5.98
C CYS A 102 12.21 24.93 5.74
N ASP A 103 13.13 25.48 4.96
CA ASP A 103 14.45 24.90 4.75
C ASP A 103 15.45 25.65 5.62
N MET A 104 16.23 24.91 6.39
CA MET A 104 17.23 25.48 7.28
C MET A 104 18.61 24.95 6.93
N GLY A 105 19.58 25.84 6.84
CA GLY A 105 20.94 25.46 6.53
C GLY A 105 21.82 25.43 7.76
N PRO A 106 23.10 25.08 7.58
CA PRO A 106 24.02 25.05 8.73
C PRO A 106 24.27 26.42 9.36
N ASP A 107 23.78 27.50 8.75
CA ASP A 107 23.83 28.82 9.38
C ASP A 107 22.83 28.96 10.52
N GLY A 108 22.06 27.92 10.82
CA GLY A 108 21.16 27.92 11.95
C GLY A 108 19.90 28.74 11.77
N ARG A 109 19.57 29.16 10.56
CA ARG A 109 18.40 29.99 10.32
C ARG A 109 17.76 29.60 9.00
N LEU A 110 16.71 30.35 8.64
CA LEU A 110 15.93 30.06 7.45
C LEU A 110 16.78 30.16 6.19
N LEU A 111 16.58 29.22 5.27
CA LEU A 111 17.20 29.23 3.95
C LEU A 111 16.19 29.43 2.84
N ARG A 112 15.10 28.66 2.85
CA ARG A 112 14.02 28.83 1.89
C ARG A 112 12.69 28.56 2.56
N GLY A 113 11.73 29.45 2.35
CA GLY A 113 10.36 29.26 2.81
C GLY A 113 9.45 29.13 1.61
N TYR A 114 8.36 28.39 1.79
CA TYR A 114 7.47 28.11 0.66
C TYR A 114 6.08 27.78 1.17
N ASN A 115 5.08 28.09 0.34
CA ASN A 115 3.70 27.67 0.61
C ASN A 115 3.05 27.52 -0.77
N GLN A 116 2.99 26.29 -1.25
CA GLN A 116 2.49 25.99 -2.59
C GLN A 116 1.11 25.35 -2.51
N PHE A 117 0.33 25.57 -3.56
CA PHE A 117 -1.01 25.03 -3.68
C PHE A 117 -1.21 24.44 -5.07
N ALA A 118 -2.04 23.40 -5.15
CA ALA A 118 -2.32 22.76 -6.43
C ALA A 118 -3.78 22.32 -6.47
N TYR A 119 -4.42 22.54 -7.61
CA TYR A 119 -5.79 22.10 -7.86
C TYR A 119 -5.79 21.04 -8.95
N ASP A 120 -6.28 19.86 -8.62
CA ASP A 120 -6.42 18.76 -9.59
C ASP A 120 -5.07 18.37 -10.20
N GLY A 121 -4.01 18.47 -9.42
CA GLY A 121 -2.68 18.10 -9.86
C GLY A 121 -1.92 19.21 -10.57
N LYS A 122 -2.61 20.26 -11.01
CA LYS A 122 -1.94 21.38 -11.65
C LYS A 122 -1.67 22.48 -10.63
N ASP A 123 -0.60 23.24 -10.86
CA ASP A 123 -0.23 24.30 -9.93
C ASP A 123 -1.33 25.36 -9.86
N TYR A 124 -1.41 26.02 -8.71
CA TYR A 124 -2.38 27.10 -8.54
C TYR A 124 -1.68 28.41 -8.18
N ILE A 125 -1.28 28.53 -6.91
CA ILE A 125 -0.58 29.72 -6.44
C ILE A 125 0.51 29.27 -5.47
N ALA A 126 1.62 30.01 -5.46
CA ALA A 126 2.78 29.66 -4.66
C ALA A 126 3.42 30.91 -4.09
N LEU A 127 3.86 30.82 -2.83
CA LEU A 127 4.60 31.92 -2.23
C LEU A 127 5.98 32.04 -2.89
N ASN A 128 6.37 33.27 -3.22
CA ASN A 128 7.64 33.49 -3.88
C ASN A 128 8.79 33.36 -2.87
N GLU A 129 10.02 33.37 -3.40
CA GLU A 129 11.19 33.19 -2.56
C GLU A 129 11.36 34.32 -1.56
N ASP A 130 10.94 35.53 -1.91
CA ASP A 130 11.10 36.69 -1.04
C ASP A 130 10.10 36.69 0.13
N LEU A 131 9.18 35.73 0.18
CA LEU A 131 8.21 35.60 1.26
C LEU A 131 7.25 36.78 1.34
N ARG A 132 7.08 37.53 0.25
CA ARG A 132 6.18 38.67 0.22
C ARG A 132 5.28 38.74 -1.00
N SER A 133 5.60 38.03 -2.08
CA SER A 133 4.81 38.05 -3.30
C SER A 133 4.33 36.64 -3.62
N TRP A 134 3.43 36.55 -4.61
CA TRP A 134 2.84 35.29 -5.04
C TRP A 134 3.07 35.09 -6.53
N THR A 135 2.77 33.88 -7.00
CA THR A 135 2.85 33.54 -8.40
C THR A 135 1.66 32.67 -8.75
N ALA A 136 0.77 33.20 -9.59
CA ALA A 136 -0.43 32.48 -10.00
C ALA A 136 -0.17 31.70 -11.28
N ALA A 137 -0.80 30.53 -11.39
CA ALA A 137 -0.60 29.66 -12.54
C ALA A 137 -1.54 29.98 -13.70
N ASP A 138 -2.71 30.54 -13.43
CA ASP A 138 -3.67 30.85 -14.47
C ASP A 138 -4.48 32.08 -14.05
N THR A 139 -5.35 32.53 -14.95
CA THR A 139 -6.15 33.72 -14.67
C THR A 139 -7.11 33.49 -13.50
N ALA A 140 -7.52 32.23 -13.28
CA ALA A 140 -8.38 31.93 -12.14
C ALA A 140 -7.63 31.95 -10.81
N ALA A 141 -6.30 31.85 -10.84
CA ALA A 141 -5.52 31.89 -9.61
C ALA A 141 -5.07 33.29 -9.25
N GLN A 142 -4.95 34.19 -10.25
CA GLN A 142 -4.61 35.57 -9.93
C GLN A 142 -5.70 36.22 -9.10
N ILE A 143 -6.93 35.73 -9.19
CA ILE A 143 -8.02 36.27 -8.38
C ILE A 143 -7.67 36.14 -6.89
N THR A 144 -7.32 34.92 -6.46
CA THR A 144 -6.96 34.74 -5.06
C THR A 144 -5.69 35.49 -4.70
N GLN A 145 -4.78 35.66 -5.67
CA GLN A 145 -3.62 36.50 -5.44
C GLN A 145 -4.04 37.93 -5.12
N ARG A 146 -4.96 38.47 -5.91
CA ARG A 146 -5.46 39.82 -5.65
C ARG A 146 -6.16 39.89 -4.30
N LYS A 147 -6.80 38.80 -3.87
CA LYS A 147 -7.40 38.80 -2.54
C LYS A 147 -6.34 38.63 -1.46
N TRP A 148 -5.37 37.75 -1.68
CA TRP A 148 -4.37 37.49 -0.66
C TRP A 148 -3.41 38.66 -0.49
N GLU A 149 -3.09 39.38 -1.57
CA GLU A 149 -2.37 40.64 -1.41
C GLU A 149 -3.23 41.66 -0.69
N ALA A 150 -4.54 41.65 -0.93
CA ALA A 150 -5.44 42.60 -0.30
C ALA A 150 -5.65 42.28 1.18
N ALA A 151 -5.32 41.08 1.62
CA ALA A 151 -5.46 40.68 3.02
C ALA A 151 -4.12 40.61 3.75
N ARG A 152 -3.02 40.98 3.09
CA ARG A 152 -1.66 40.85 3.66
C ARG A 152 -1.43 39.44 4.18
N VAL A 153 -1.69 38.45 3.32
CA VAL A 153 -1.57 37.06 3.72
C VAL A 153 -0.10 36.67 3.89
N ALA A 154 0.76 37.14 2.99
CA ALA A 154 2.17 36.78 3.05
C ALA A 154 2.85 37.27 4.32
N GLU A 155 2.32 38.32 4.96
CA GLU A 155 2.92 38.79 6.20
C GLU A 155 2.77 37.77 7.31
N GLN A 156 1.59 37.16 7.44
CA GLN A 156 1.41 36.08 8.41
C GLN A 156 2.21 34.85 8.02
N LEU A 157 2.36 34.58 6.73
CA LEU A 157 3.23 33.49 6.27
C LEU A 157 4.65 33.70 6.76
N ARG A 158 5.21 34.88 6.45
CA ARG A 158 6.62 35.12 6.73
C ARG A 158 6.91 35.05 8.23
N ALA A 159 5.98 35.52 9.06
CA ALA A 159 6.19 35.46 10.50
C ALA A 159 6.35 34.02 10.97
N TYR A 160 5.60 33.10 10.39
CA TYR A 160 5.69 31.70 10.77
C TYR A 160 6.93 31.03 10.18
N LEU A 161 7.22 31.30 8.91
CA LEU A 161 8.29 30.59 8.22
C LEU A 161 9.65 30.92 8.85
N GLU A 162 10.00 32.21 8.92
CA GLU A 162 11.18 32.64 9.66
C GLU A 162 10.74 32.96 11.08
N GLY A 163 10.63 31.91 11.88
CA GLY A 163 10.17 32.04 13.25
C GLY A 163 9.81 30.72 13.89
N GLU A 164 8.51 30.41 13.97
CA GLU A 164 8.08 29.18 14.63
C GLU A 164 8.49 27.94 13.83
N CYS A 165 8.61 28.05 12.51
CA CYS A 165 8.95 26.89 11.70
C CYS A 165 10.38 26.44 11.97
N VAL A 166 11.34 27.36 11.95
CA VAL A 166 12.72 26.98 12.25
C VAL A 166 12.89 26.69 13.73
N GLU A 167 12.13 27.35 14.60
CA GLU A 167 12.26 27.12 16.02
C GLU A 167 11.79 25.71 16.38
N TRP A 168 10.63 25.31 15.87
CA TRP A 168 10.17 23.95 16.06
C TRP A 168 10.91 22.94 15.20
N LEU A 169 11.83 23.39 14.35
CA LEU A 169 12.68 22.47 13.61
C LEU A 169 13.88 22.03 14.44
N ARG A 170 14.59 22.99 15.04
CA ARG A 170 15.70 22.64 15.93
C ARG A 170 15.21 21.90 17.16
N ARG A 171 14.04 22.28 17.68
CA ARG A 171 13.46 21.55 18.81
C ARG A 171 13.21 20.09 18.44
N HIS A 172 12.80 19.84 17.20
CA HIS A 172 12.61 18.46 16.75
C HIS A 172 13.95 17.77 16.53
N LEU A 173 14.90 18.46 15.90
CA LEU A 173 16.19 17.87 15.58
C LEU A 173 17.02 17.56 16.81
N GLU A 174 16.67 18.10 17.98
CA GLU A 174 17.37 17.80 19.22
C GLU A 174 16.67 16.72 20.03
N ASN A 175 15.35 16.81 20.19
CA ASN A 175 14.60 15.79 20.89
C ASN A 175 14.59 14.46 20.15
N GLY A 176 14.74 14.47 18.84
CA GLY A 176 14.85 13.26 18.08
C GLY A 176 16.16 13.17 17.32
N LYS A 177 17.25 13.63 17.96
CA LYS A 177 18.55 13.69 17.29
C LYS A 177 19.06 12.30 16.91
N GLU A 178 18.77 11.29 17.73
CA GLU A 178 19.30 9.96 17.46
C GLU A 178 18.73 9.38 16.17
N THR A 179 17.47 9.69 15.87
CA THR A 179 16.82 9.13 14.68
C THR A 179 16.71 10.11 13.53
N LEU A 180 16.92 11.41 13.76
CA LEU A 180 16.83 12.41 12.71
C LEU A 180 18.18 12.85 12.18
N GLN A 181 19.14 13.11 13.07
CA GLN A 181 20.49 13.52 12.66
C GLN A 181 21.45 12.34 12.57
N ARG A 182 20.97 11.21 12.05
CA ARG A 182 21.80 10.04 11.85
C ARG A 182 21.65 9.60 10.39
N ALA A 183 22.78 9.33 9.74
CA ALA A 183 22.81 8.91 8.35
C ALA A 183 23.23 7.45 8.28
N ASP A 184 22.37 6.61 7.71
CA ASP A 184 22.67 5.19 7.55
C ASP A 184 23.28 4.97 6.17
N PRO A 185 24.54 4.51 6.10
CA PRO A 185 25.12 4.25 4.78
C PRO A 185 24.46 3.07 4.12
N PRO A 186 24.47 2.99 2.79
CA PRO A 186 23.81 1.88 2.09
C PRO A 186 24.68 0.63 2.08
N LYS A 187 24.00 -0.51 2.01
CA LYS A 187 24.66 -1.78 1.74
C LYS A 187 24.58 -2.04 0.24
N THR A 188 25.73 -2.26 -0.39
CA THR A 188 25.83 -2.29 -1.84
C THR A 188 26.41 -3.62 -2.32
N HIS A 189 25.88 -4.11 -3.43
CA HIS A 189 26.35 -5.33 -4.07
C HIS A 189 25.75 -5.41 -5.46
N VAL A 190 26.43 -6.15 -6.34
CA VAL A 190 25.99 -6.32 -7.73
C VAL A 190 25.55 -7.76 -7.92
N THR A 191 24.45 -7.94 -8.64
CA THR A 191 23.94 -9.27 -8.98
C THR A 191 24.02 -9.49 -10.48
N HIS A 192 24.04 -10.77 -10.86
CA HIS A 192 24.20 -11.18 -12.24
C HIS A 192 23.00 -12.04 -12.66
N HIS A 193 22.35 -11.64 -13.74
CA HIS A 193 21.16 -12.34 -14.25
C HIS A 193 21.31 -12.56 -15.75
N PRO A 194 21.67 -13.77 -16.18
CA PRO A 194 21.82 -14.02 -17.62
C PRO A 194 20.47 -14.10 -18.30
N ILE A 195 20.30 -13.27 -19.34
CA ILE A 195 19.05 -13.25 -20.11
C ILE A 195 19.15 -14.04 -21.41
N SER A 196 20.35 -14.46 -21.81
CA SER A 196 20.53 -15.22 -23.04
C SER A 196 21.90 -15.88 -22.99
N ASP A 197 22.21 -16.64 -24.04
CA ASP A 197 23.55 -17.20 -24.17
C ASP A 197 24.57 -16.12 -24.53
N HIS A 198 24.12 -14.99 -25.09
CA HIS A 198 25.00 -13.92 -25.51
C HIS A 198 24.74 -12.61 -24.78
N GLU A 199 23.90 -12.61 -23.75
CA GLU A 199 23.59 -11.39 -23.02
C GLU A 199 23.36 -11.71 -21.55
N ALA A 200 23.62 -10.72 -20.69
CA ALA A 200 23.39 -10.84 -19.26
C ALA A 200 23.22 -9.45 -18.67
N THR A 201 22.62 -9.38 -17.49
CA THR A 201 22.32 -8.11 -16.83
C THR A 201 23.02 -8.04 -15.49
N LEU A 202 23.64 -6.90 -15.21
CA LEU A 202 24.20 -6.58 -13.91
C LEU A 202 23.31 -5.56 -13.22
N ARG A 203 22.99 -5.81 -11.96
CA ARG A 203 22.11 -4.95 -11.19
C ARG A 203 22.84 -4.46 -9.95
N CYS A 204 23.06 -3.14 -9.87
CA CYS A 204 23.68 -2.52 -8.71
C CYS A 204 22.62 -2.24 -7.65
N TRP A 205 22.88 -2.69 -6.42
CA TRP A 205 21.90 -2.58 -5.34
C TRP A 205 22.36 -1.58 -4.29
N ALA A 206 21.39 -1.04 -3.57
CA ALA A 206 21.65 -0.13 -2.44
C ALA A 206 20.51 -0.31 -1.45
N LEU A 207 20.82 -0.83 -0.27
CA LEU A 207 19.82 -1.22 0.71
C LEU A 207 20.04 -0.53 2.04
N GLY A 208 18.93 -0.25 2.72
CA GLY A 208 18.97 0.21 4.10
C GLY A 208 19.59 1.57 4.33
N PHE A 209 19.56 2.45 3.33
CA PHE A 209 20.17 3.76 3.46
C PHE A 209 19.15 4.81 3.87
N TYR A 210 19.63 5.87 4.53
CA TYR A 210 18.84 7.03 4.91
C TYR A 210 19.78 8.22 4.92
N PRO A 211 19.37 9.38 4.38
CA PRO A 211 18.06 9.68 3.76
C PRO A 211 17.93 9.07 2.37
N ALA A 212 16.81 9.33 1.69
CA ALA A 212 16.54 8.69 0.41
C ALA A 212 17.35 9.28 -0.73
N GLU A 213 18.02 10.42 -0.53
CA GLU A 213 18.81 11.04 -1.59
C GLU A 213 20.04 10.19 -1.88
N ILE A 214 20.14 9.68 -3.10
CA ILE A 214 21.24 8.82 -3.50
C ILE A 214 21.37 8.88 -5.01
N THR A 215 22.61 8.79 -5.50
CA THR A 215 22.90 8.71 -6.92
C THR A 215 23.49 7.34 -7.23
N LEU A 216 23.06 6.75 -8.35
CA LEU A 216 23.45 5.38 -8.69
C LEU A 216 23.48 5.26 -10.21
N THR A 217 24.68 5.20 -10.79
CA THR A 217 24.85 5.16 -12.23
C THR A 217 25.86 4.08 -12.61
N TRP A 218 25.72 3.57 -13.82
CA TRP A 218 26.64 2.57 -14.37
C TRP A 218 27.59 3.21 -15.37
N GLN A 219 28.81 2.71 -15.41
CA GLN A 219 29.86 3.24 -16.28
C GLN A 219 30.58 2.10 -16.96
N ARG A 220 30.84 2.24 -18.26
CA ARG A 220 31.54 1.24 -19.05
C ARG A 220 32.84 1.83 -19.57
N ASP A 221 33.96 1.50 -18.91
CA ASP A 221 35.29 1.96 -19.30
C ASP A 221 35.35 3.48 -19.39
N GLY A 222 34.49 4.16 -18.63
CA GLY A 222 34.41 5.60 -18.69
C GLY A 222 33.08 6.09 -19.23
N ASP A 224 30.10 7.36 -19.26
CA ASP A 224 29.02 7.40 -18.27
C ASP A 224 27.67 7.17 -18.95
N GLN A 225 27.31 5.90 -19.15
CA GLN A 225 26.08 5.54 -19.84
C GLN A 225 24.90 5.73 -18.91
N THR A 226 24.25 6.89 -18.98
CA THR A 226 22.98 7.07 -18.30
C THR A 226 21.84 6.41 -19.06
N GLN A 227 21.93 6.37 -20.38
CA GLN A 227 21.00 5.61 -21.19
C GLN A 227 21.35 4.12 -21.13
N ASP A 228 20.37 3.29 -21.49
CA ASP A 228 20.44 1.84 -21.37
C ASP A 228 20.63 1.37 -19.93
N THR A 229 20.50 2.28 -18.96
CA THR A 229 20.54 1.95 -17.55
C THR A 229 19.13 2.01 -16.99
N GLU A 230 18.71 0.94 -16.31
CA GLU A 230 17.35 0.84 -15.78
C GLU A 230 17.35 1.41 -14.37
N LEU A 231 17.17 2.72 -14.27
CA LEU A 231 17.10 3.38 -12.97
C LEU A 231 15.70 3.23 -12.39
N VAL A 232 15.62 2.67 -11.18
CA VAL A 232 14.34 2.45 -10.51
C VAL A 232 14.19 3.51 -9.43
N GLU A 233 12.94 3.83 -9.11
CA GLU A 233 12.67 4.90 -8.14
C GLU A 233 13.01 4.43 -6.72
N THR A 234 13.46 5.37 -5.91
CA THR A 234 13.83 5.07 -4.53
C THR A 234 12.61 4.56 -3.76
N ARG A 235 12.70 3.31 -3.30
CA ARG A 235 11.63 2.63 -2.57
C ARG A 235 11.83 2.78 -1.07
N PRO A 236 10.74 2.90 -0.31
CA PRO A 236 10.84 2.81 1.15
C PRO A 236 10.85 1.36 1.60
N ALA A 237 11.76 1.02 2.50
CA ALA A 237 11.82 -0.35 3.00
C ALA A 237 10.66 -0.64 3.95
N GLY A 238 10.30 0.33 4.79
CA GLY A 238 9.25 0.17 5.78
C GLY A 238 9.70 0.43 7.21
N ASP A 239 11.00 0.36 7.46
CA ASP A 239 11.55 0.61 8.80
C ASP A 239 12.24 1.96 8.90
N GLY A 240 11.99 2.86 7.95
CA GLY A 240 12.64 4.16 7.92
C GLY A 240 13.85 4.23 7.03
N THR A 241 14.17 3.17 6.29
CA THR A 241 15.26 3.16 5.34
C THR A 241 14.70 3.08 3.92
N PHE A 242 15.61 3.15 2.94
CA PHE A 242 15.20 3.20 1.54
C PHE A 242 16.04 2.23 0.72
N GLN A 243 15.56 1.96 -0.50
CA GLN A 243 16.19 1.02 -1.41
C GLN A 243 16.16 1.60 -2.82
N LYS A 244 17.13 1.17 -3.64
CA LYS A 244 17.24 1.62 -5.01
C LYS A 244 18.18 0.70 -5.77
N TRP A 245 17.93 0.52 -7.06
CA TRP A 245 18.81 -0.28 -7.90
C TRP A 245 18.75 0.21 -9.34
N ALA A 246 19.86 0.02 -10.06
CA ALA A 246 19.91 0.28 -11.50
C ALA A 246 20.61 -0.88 -12.18
N ALA A 247 20.05 -1.34 -13.30
CA ALA A 247 20.57 -2.47 -14.03
C ALA A 247 21.02 -2.05 -15.42
N VAL A 248 21.99 -2.79 -15.97
CA VAL A 248 22.51 -2.55 -17.30
C VAL A 248 22.72 -3.91 -17.99
N VAL A 249 22.44 -3.96 -19.29
CA VAL A 249 22.52 -5.18 -20.07
C VAL A 249 23.86 -5.23 -20.78
N VAL A 250 24.57 -6.34 -20.64
CA VAL A 250 25.87 -6.52 -21.28
C VAL A 250 25.86 -7.83 -22.04
N PRO A 251 26.71 -7.98 -23.05
CA PRO A 251 26.83 -9.26 -23.75
C PRO A 251 27.64 -10.25 -22.92
N SER A 252 27.65 -11.50 -23.38
CA SER A 252 28.52 -12.50 -22.78
C SER A 252 29.98 -12.14 -23.04
N GLY A 253 30.79 -12.22 -21.99
CA GLY A 253 32.14 -11.68 -22.05
C GLY A 253 32.07 -10.20 -21.81
N GLN A 254 33.21 -9.55 -21.49
CA GLN A 254 33.22 -8.14 -21.11
C GLN A 254 32.31 -7.91 -19.89
N GLU A 255 32.11 -8.95 -19.09
CA GLU A 255 31.32 -8.83 -17.87
C GLU A 255 31.95 -7.84 -16.89
N GLN A 256 33.25 -7.60 -16.99
CA GLN A 256 33.93 -6.59 -16.20
C GLN A 256 34.07 -5.31 -17.03
N ARG A 257 34.83 -4.35 -16.52
CA ARG A 257 34.97 -3.02 -17.11
C ARG A 257 33.64 -2.26 -17.08
N TYR A 258 32.60 -2.90 -16.55
CA TYR A 258 31.33 -2.24 -16.24
C TYR A 258 31.34 -1.95 -14.75
N THR A 259 31.33 -0.67 -14.39
CA THR A 259 31.45 -0.27 -13.00
C THR A 259 30.25 0.59 -12.59
N CYS A 260 29.77 0.36 -11.38
CA CYS A 260 28.65 1.11 -10.80
C CYS A 260 29.19 2.07 -9.74
N HIS A 261 28.58 3.25 -9.67
CA HIS A 261 29.03 4.30 -8.76
C HIS A 261 27.87 4.74 -7.87
N VAL A 262 28.13 4.88 -6.58
CA VAL A 262 27.12 5.24 -5.59
C VAL A 262 27.59 6.47 -4.83
N GLN A 263 26.64 7.34 -4.50
CA GLN A 263 26.90 8.54 -3.70
C GLN A 263 25.80 8.69 -2.65
N HIS A 264 26.19 9.05 -1.43
CA HIS A 264 25.25 9.17 -0.33
C HIS A 264 25.87 10.03 0.76
N GLU A 265 25.10 10.29 1.82
CA GLU A 265 25.56 11.08 2.95
C GLU A 265 26.07 10.23 4.11
N GLY A 266 25.77 8.93 4.12
CA GLY A 266 26.32 8.02 5.10
C GLY A 266 27.55 7.34 4.55
N LEU A 267 27.59 7.20 3.23
CA LEU A 267 28.76 6.74 2.50
C LEU A 267 29.64 7.97 2.27
N GLN A 268 30.67 8.13 3.10
CA GLN A 268 31.40 9.39 3.15
C GLN A 268 32.31 9.56 1.93
N GLU A 269 33.26 8.63 1.74
CA GLU A 269 34.00 8.78 0.50
C GLU A 269 33.29 8.03 -0.62
N PRO A 270 33.26 8.62 -1.83
CA PRO A 270 32.48 8.01 -2.93
C PRO A 270 32.93 6.59 -3.23
N LEU A 271 31.98 5.77 -3.64
CA LEU A 271 32.17 4.32 -3.77
C LEU A 271 32.23 3.91 -5.24
N THR A 272 32.99 2.85 -5.49
CA THR A 272 33.11 2.22 -6.80
C THR A 272 33.13 0.72 -6.60
N LEU A 273 32.34 -0.01 -7.37
CA LEU A 273 32.26 -1.46 -7.20
C LEU A 273 31.79 -2.10 -8.50
N ARG A 274 32.10 -3.39 -8.63
CA ARG A 274 31.73 -4.20 -9.80
C ARG A 274 31.23 -5.55 -9.32
N TRP A 275 30.84 -6.40 -10.27
CA TRP A 275 30.30 -7.71 -9.95
C TRP A 275 31.42 -8.72 -9.81
N LYS A 276 31.47 -9.37 -8.65
CA LYS A 276 32.46 -10.41 -8.39
C LYS A 276 31.79 -11.77 -8.38
N PRO A 277 32.29 -12.75 -9.15
CA PRO A 277 31.67 -14.08 -9.20
C PRO A 277 31.88 -14.88 -7.92
N ILE B 3 -4.87 17.30 -14.96
CA ILE B 3 -3.62 16.54 -14.88
C ILE B 3 -3.83 15.21 -14.17
N GLN B 4 -3.66 14.12 -14.90
CA GLN B 4 -3.71 12.77 -14.35
C GLN B 4 -2.41 12.04 -14.65
N ARG B 5 -2.02 11.15 -13.74
CA ARG B 5 -0.75 10.46 -13.85
C ARG B 5 -0.92 8.99 -13.51
N THR B 6 -0.31 8.13 -14.33
CA THR B 6 -0.37 6.69 -14.12
C THR B 6 0.52 6.28 -12.95
N PRO B 7 0.08 5.36 -12.09
CA PRO B 7 0.92 4.94 -10.97
C PRO B 7 2.08 4.07 -11.43
N LYS B 8 3.20 4.20 -10.73
CA LYS B 8 4.34 3.32 -10.89
C LYS B 8 4.30 2.28 -9.77
N ILE B 9 4.30 1.01 -10.13
CA ILE B 9 4.13 -0.09 -9.19
C ILE B 9 5.48 -0.78 -8.98
N GLN B 10 5.81 -1.05 -7.72
CA GLN B 10 7.01 -1.80 -7.37
C GLN B 10 6.67 -2.78 -6.27
N VAL B 11 6.83 -4.07 -6.54
CA VAL B 11 6.55 -5.13 -5.58
C VAL B 11 7.88 -5.71 -5.13
N TYR B 12 8.16 -5.60 -3.82
CA TYR B 12 9.47 -5.96 -3.30
C TYR B 12 9.34 -6.33 -1.83
N SER B 13 10.44 -6.82 -1.28
CA SER B 13 10.50 -7.23 0.12
C SER B 13 11.33 -6.24 0.91
N ARG B 14 10.99 -6.10 2.19
CA ARG B 14 11.73 -5.18 3.06
C ARG B 14 13.15 -5.68 3.30
N HIS B 15 13.32 -7.00 3.47
CA HIS B 15 14.60 -7.62 3.67
C HIS B 15 14.85 -8.63 2.56
N PRO B 16 16.12 -8.93 2.27
CA PRO B 16 16.43 -9.98 1.29
C PRO B 16 15.67 -11.27 1.59
N ALA B 17 14.95 -11.76 0.58
CA ALA B 17 14.08 -12.91 0.78
C ALA B 17 14.87 -14.19 0.97
N GLU B 18 14.58 -14.91 2.06
CA GLU B 18 15.12 -16.23 2.32
C GLU B 18 13.95 -17.17 2.60
N ASN B 19 13.85 -18.25 1.82
CA ASN B 19 12.71 -19.15 1.92
C ASN B 19 12.59 -19.73 3.33
N GLY B 20 11.42 -19.53 3.94
CA GLY B 20 11.18 -20.01 5.28
C GLY B 20 11.45 -19.02 6.39
N LYS B 21 11.66 -17.74 6.06
CA LYS B 21 11.93 -16.71 7.04
C LYS B 21 10.89 -15.60 6.90
N SER B 22 10.36 -15.14 8.04
CA SER B 22 9.33 -14.11 8.01
C SER B 22 9.91 -12.81 7.47
N ASN B 23 9.13 -12.14 6.62
CA ASN B 23 9.55 -10.89 6.00
C ASN B 23 8.32 -10.02 5.81
N PHE B 24 8.50 -8.90 5.11
CA PHE B 24 7.41 -7.98 4.79
C PHE B 24 7.37 -7.78 3.28
N LEU B 25 6.20 -8.03 2.69
CA LEU B 25 5.99 -7.82 1.27
C LEU B 25 5.49 -6.39 1.05
N ASN B 26 6.21 -5.62 0.24
CA ASN B 26 5.89 -4.23 -0.02
C ASN B 26 5.38 -4.07 -1.45
N CYS B 27 4.29 -3.33 -1.60
CA CYS B 27 3.81 -2.87 -2.90
C CYS B 27 3.76 -1.35 -2.84
N TYR B 28 4.69 -0.69 -3.52
CA TYR B 28 4.88 0.75 -3.42
C TYR B 28 4.37 1.40 -4.69
N VAL B 29 3.27 2.14 -4.59
CA VAL B 29 2.69 2.88 -5.70
C VAL B 29 3.08 4.35 -5.55
N SER B 30 3.45 4.97 -6.66
CA SER B 30 3.94 6.34 -6.61
C SER B 30 3.66 7.03 -7.93
N GLY B 31 3.78 8.35 -7.91
CA GLY B 31 3.67 9.14 -9.13
C GLY B 31 2.32 9.05 -9.80
N PHE B 32 1.25 9.05 -9.02
CA PHE B 32 -0.09 8.96 -9.58
C PHE B 32 -0.93 10.15 -9.12
N HIS B 33 -1.93 10.48 -9.95
CA HIS B 33 -2.93 11.49 -9.66
C HIS B 33 -4.22 11.13 -10.39
N PRO B 34 -5.38 11.20 -9.73
CA PRO B 34 -5.61 11.64 -8.35
C PRO B 34 -5.27 10.58 -7.30
N SER B 35 -5.73 10.79 -6.06
CA SER B 35 -5.29 9.98 -4.94
C SER B 35 -6.07 8.67 -4.81
N ASP B 36 -7.30 8.61 -5.31
CA ASP B 36 -8.11 7.41 -5.18
C ASP B 36 -7.47 6.23 -5.90
N ILE B 37 -6.96 5.27 -5.14
CA ILE B 37 -6.29 4.10 -5.70
C ILE B 37 -6.74 2.85 -4.96
N GLU B 38 -6.83 1.75 -5.70
CA GLU B 38 -7.12 0.44 -5.15
C GLU B 38 -5.87 -0.42 -5.27
N VAL B 39 -5.40 -0.95 -4.13
CA VAL B 39 -4.19 -1.75 -4.10
C VAL B 39 -4.48 -3.02 -3.30
N ASP B 40 -4.19 -4.17 -3.89
CA ASP B 40 -4.40 -5.46 -3.26
C ASP B 40 -3.13 -6.29 -3.33
N LEU B 41 -2.93 -7.15 -2.33
CA LEU B 41 -1.82 -8.10 -2.30
C LEU B 41 -2.38 -9.50 -2.49
N LEU B 42 -1.80 -10.25 -3.42
CA LEU B 42 -2.35 -11.52 -3.85
C LEU B 42 -1.36 -12.65 -3.53
N LYS B 43 -1.90 -13.76 -3.01
CA LYS B 43 -1.11 -14.94 -2.69
C LYS B 43 -1.74 -16.13 -3.39
N ASN B 44 -1.10 -16.60 -4.46
CA ASN B 44 -1.62 -17.70 -5.28
C ASN B 44 -3.03 -17.40 -5.79
N GLY B 45 -3.33 -16.13 -6.05
CA GLY B 45 -4.61 -15.75 -6.59
C GLY B 45 -5.70 -15.48 -5.58
N GLU B 46 -5.37 -15.37 -4.29
CA GLU B 46 -6.36 -15.02 -3.27
C GLU B 46 -5.91 -13.77 -2.55
N ARG B 47 -6.88 -12.88 -2.28
CA ARG B 47 -6.58 -11.58 -1.71
C ARG B 47 -6.08 -11.73 -0.28
N ILE B 48 -5.14 -10.86 0.09
CA ILE B 48 -4.63 -10.77 1.46
C ILE B 48 -5.36 -9.63 2.15
N GLU B 49 -6.04 -9.93 3.26
CA GLU B 49 -6.86 -8.93 3.94
C GLU B 49 -6.05 -8.07 4.91
N LYS B 50 -5.12 -8.68 5.66
CA LYS B 50 -4.32 -7.95 6.64
C LYS B 50 -3.16 -7.27 5.92
N VAL B 51 -3.50 -6.23 5.16
CA VAL B 51 -2.51 -5.35 4.54
C VAL B 51 -2.72 -3.95 5.11
N GLU B 52 -1.62 -3.31 5.46
CA GLU B 52 -1.63 -1.95 5.96
C GLU B 52 -0.92 -1.04 4.96
N HIS B 53 -1.33 0.22 4.94
CA HIS B 53 -0.73 1.19 4.04
C HIS B 53 -0.32 2.44 4.83
N SER B 54 0.63 3.17 4.26
CA SER B 54 1.12 4.40 4.88
C SER B 54 0.09 5.52 4.73
N ASP B 55 0.40 6.66 5.33
CA ASP B 55 -0.45 7.83 5.20
C ASP B 55 -0.20 8.51 3.87
N LEU B 56 -1.26 9.07 3.29
CA LEU B 56 -1.18 9.67 1.97
C LEU B 56 -0.25 10.88 1.98
N SER B 57 0.74 10.86 1.09
CA SER B 57 1.65 11.98 0.91
C SER B 57 1.96 12.13 -0.57
N PHE B 58 2.54 13.27 -0.93
CA PHE B 58 2.82 13.58 -2.33
C PHE B 58 4.21 14.19 -2.44
N SER B 59 4.72 14.23 -3.67
CA SER B 59 6.06 14.71 -3.98
C SER B 59 6.00 16.16 -4.47
N LYS B 60 7.11 16.63 -5.03
CA LYS B 60 7.19 18.03 -5.47
C LYS B 60 6.30 18.27 -6.69
N ASP B 61 6.18 17.30 -7.57
CA ASP B 61 5.31 17.41 -8.74
C ASP B 61 3.84 17.17 -8.40
N TRP B 62 3.52 17.08 -7.10
CA TRP B 62 2.21 16.91 -6.51
C TRP B 62 1.66 15.50 -6.66
N SER B 63 2.39 14.58 -7.29
CA SER B 63 1.89 13.22 -7.44
C SER B 63 1.97 12.48 -6.12
N PHE B 64 0.97 11.64 -5.87
CA PHE B 64 0.88 10.92 -4.61
C PHE B 64 1.74 9.66 -4.63
N TYR B 65 2.09 9.19 -3.44
CA TYR B 65 2.75 7.90 -3.27
C TYR B 65 2.19 7.21 -2.03
N LEU B 66 2.27 5.89 -2.03
CA LEU B 66 1.71 5.07 -0.96
C LEU B 66 2.48 3.76 -0.89
N LEU B 67 2.75 3.31 0.33
CA LEU B 67 3.38 2.01 0.55
C LEU B 67 2.37 1.07 1.21
N TYR B 68 2.13 -0.07 0.58
CA TYR B 68 1.29 -1.13 1.13
C TYR B 68 2.18 -2.27 1.59
N TYR B 69 2.01 -2.69 2.84
CA TYR B 69 2.89 -3.69 3.43
C TYR B 69 2.09 -4.72 4.21
N THR B 70 2.63 -5.92 4.30
CA THR B 70 2.05 -6.99 5.09
C THR B 70 3.14 -8.01 5.41
N GLU B 71 2.90 -8.78 6.47
CA GLU B 71 3.85 -9.81 6.87
C GLU B 71 3.67 -11.07 6.02
N PHE B 72 4.79 -11.67 5.62
CA PHE B 72 4.74 -12.87 4.80
C PHE B 72 6.06 -13.61 4.91
N THR B 73 6.00 -14.91 4.64
CA THR B 73 7.19 -15.75 4.57
C THR B 73 7.24 -16.39 3.18
N PRO B 74 8.20 -16.04 2.35
CA PRO B 74 8.23 -16.59 0.98
C PRO B 74 8.74 -18.02 0.95
N THR B 75 8.22 -18.76 -0.03
CA THR B 75 8.64 -20.13 -0.30
C THR B 75 9.15 -20.22 -1.74
N GLU B 76 9.28 -21.45 -2.23
CA GLU B 76 9.74 -21.66 -3.60
C GLU B 76 8.60 -21.59 -4.61
N LYS B 77 7.41 -22.08 -4.24
CA LYS B 77 6.30 -22.18 -5.18
C LYS B 77 5.17 -21.19 -4.92
N ASP B 78 5.14 -20.53 -3.77
CA ASP B 78 4.10 -19.55 -3.49
C ASP B 78 4.32 -18.30 -4.33
N GLU B 79 3.35 -17.99 -5.20
CA GLU B 79 3.45 -16.84 -6.10
C GLU B 79 2.67 -15.66 -5.51
N TYR B 80 3.34 -14.52 -5.39
CA TYR B 80 2.75 -13.31 -4.85
C TYR B 80 2.64 -12.25 -5.94
N ALA B 81 1.69 -11.33 -5.77
CA ALA B 81 1.46 -10.29 -6.75
C ALA B 81 0.76 -9.12 -6.10
N CYS B 82 0.71 -8.01 -6.83
CA CYS B 82 0.04 -6.79 -6.39
C CYS B 82 -0.90 -6.33 -7.49
N ARG B 83 -2.16 -6.09 -7.15
CA ARG B 83 -3.18 -5.62 -8.08
C ARG B 83 -3.47 -4.15 -7.79
N VAL B 84 -3.29 -3.29 -8.78
CA VAL B 84 -3.48 -1.85 -8.66
C VAL B 84 -4.55 -1.42 -9.65
N ASN B 85 -5.55 -0.68 -9.16
CA ASN B 85 -6.60 -0.13 -9.99
C ASN B 85 -6.63 1.39 -9.85
N HIS B 86 -6.64 2.09 -10.97
CA HIS B 86 -6.62 3.54 -10.99
C HIS B 86 -7.48 4.04 -12.14
N VAL B 87 -7.90 5.30 -12.05
CA VAL B 87 -8.77 5.86 -13.08
C VAL B 87 -8.04 5.94 -14.41
N THR B 88 -6.71 6.13 -14.38
CA THR B 88 -5.93 6.16 -15.61
C THR B 88 -5.77 4.80 -16.25
N LEU B 89 -6.09 3.72 -15.53
CA LEU B 89 -5.90 2.36 -16.03
C LEU B 89 -7.20 1.84 -16.64
N SER B 90 -7.11 1.38 -17.89
CA SER B 90 -8.26 0.72 -18.51
C SER B 90 -8.59 -0.58 -17.79
N GLN B 91 -7.62 -1.46 -17.68
CA GLN B 91 -7.74 -2.69 -16.91
C GLN B 91 -6.84 -2.60 -15.69
N PRO B 92 -7.23 -3.23 -14.57
CA PRO B 92 -6.38 -3.21 -13.38
C PRO B 92 -5.06 -3.91 -13.64
N LYS B 93 -3.96 -3.23 -13.28
CA LYS B 93 -2.62 -3.76 -13.52
C LYS B 93 -2.24 -4.73 -12.41
N ILE B 94 -1.68 -5.88 -12.79
CA ILE B 94 -1.21 -6.88 -11.84
C ILE B 94 0.30 -7.04 -12.05
N VAL B 95 1.06 -6.90 -10.97
CA VAL B 95 2.51 -7.01 -11.02
C VAL B 95 2.93 -8.11 -10.04
N LYS B 96 3.46 -9.20 -10.58
CA LYS B 96 3.92 -10.30 -9.76
C LYS B 96 5.18 -9.91 -8.99
N TRP B 97 5.56 -10.74 -8.03
CA TRP B 97 6.72 -10.49 -7.20
C TRP B 97 7.95 -11.19 -7.76
N ASP B 98 9.09 -10.50 -7.72
CA ASP B 98 10.38 -11.04 -8.12
C ASP B 98 11.37 -10.81 -6.98
N ARG B 99 12.14 -11.85 -6.66
CA ARG B 99 13.11 -11.73 -5.58
C ARG B 99 14.32 -10.88 -6.00
N ASP B 100 14.66 -10.90 -7.29
CA ASP B 100 15.78 -10.12 -7.81
C ASP B 100 15.38 -8.69 -8.16
N MET B 101 14.21 -8.23 -7.75
CA MET B 101 13.76 -6.89 -8.08
C MET B 101 13.13 -6.21 -6.87
N HIS C 1 -27.03 -2.25 30.39
CA HIS C 1 -26.35 -1.08 29.84
C HIS C 1 -25.68 -1.41 28.51
N GLU C 2 -24.43 -1.90 28.58
CA GLU C 2 -23.72 -2.26 27.36
C GLU C 2 -24.38 -3.42 26.63
N GLY C 3 -25.13 -4.26 27.34
CA GLY C 3 -25.79 -5.39 26.71
C GLY C 3 -24.80 -6.31 26.04
N VAL C 4 -25.15 -6.75 24.84
CA VAL C 4 -24.25 -7.56 24.02
C VAL C 4 -23.40 -6.61 23.18
N HIS C 5 -22.08 -6.69 23.35
CA HIS C 5 -21.18 -5.92 22.51
C HIS C 5 -21.30 -6.40 21.06
N ARG C 6 -21.09 -5.47 20.13
CA ARG C 6 -21.24 -5.79 18.72
C ARG C 6 -20.19 -6.81 18.28
N LYS C 7 -20.35 -7.28 17.05
CA LYS C 7 -19.47 -8.32 16.53
C LYS C 7 -18.04 -7.81 16.41
N PRO C 8 -17.05 -8.64 16.66
CA PRO C 8 -15.68 -8.31 16.25
C PRO C 8 -15.46 -8.72 14.80
N SER C 9 -14.31 -8.32 14.27
CA SER C 9 -13.92 -8.71 12.93
C SER C 9 -12.97 -9.90 13.00
N LEU C 10 -12.97 -10.69 11.93
CA LEU C 10 -12.17 -11.92 11.88
C LEU C 10 -11.59 -12.07 10.49
N LEU C 11 -10.27 -12.20 10.40
CA LEU C 11 -9.58 -12.39 9.13
C LEU C 11 -8.63 -13.56 9.25
N ALA C 12 -8.24 -14.08 8.09
CA ALA C 12 -7.29 -15.18 7.98
C ALA C 12 -6.06 -14.67 7.25
N HIS C 13 -4.91 -14.76 7.90
CA HIS C 13 -3.65 -14.27 7.34
C HIS C 13 -2.71 -15.44 7.11
N PRO C 14 -2.20 -15.65 5.89
CA PRO C 14 -2.39 -14.83 4.70
C PRO C 14 -3.76 -15.05 4.03
N GLY C 15 -4.46 -16.12 4.35
CA GLY C 15 -5.76 -16.36 3.74
C GLY C 15 -6.39 -17.62 4.28
N ARG C 16 -7.60 -17.90 3.80
CA ARG C 16 -8.35 -19.06 4.24
C ARG C 16 -7.98 -20.34 3.49
N LEU C 17 -7.14 -20.24 2.46
CA LEU C 17 -6.71 -21.40 1.68
C LEU C 17 -5.36 -21.84 2.23
N VAL C 18 -5.39 -22.76 3.18
CA VAL C 18 -4.19 -23.19 3.90
C VAL C 18 -3.75 -24.55 3.38
N LYS C 19 -2.49 -24.63 2.95
CA LYS C 19 -1.93 -25.91 2.51
C LYS C 19 -1.73 -26.83 3.71
N SER C 20 -1.65 -28.13 3.42
CA SER C 20 -1.39 -29.11 4.46
C SER C 20 -0.02 -28.86 5.09
N GLU C 21 0.03 -28.97 6.41
CA GLU C 21 1.19 -28.78 7.28
C GLU C 21 1.54 -27.30 7.47
N GLU C 22 0.89 -26.38 6.77
CA GLU C 22 1.19 -24.97 6.97
C GLU C 22 0.42 -24.43 8.16
N THR C 23 0.78 -23.21 8.59
CA THR C 23 0.18 -22.57 9.75
C THR C 23 -0.42 -21.23 9.34
N VAL C 24 -1.67 -21.01 9.72
CA VAL C 24 -2.37 -19.77 9.43
C VAL C 24 -2.62 -19.02 10.73
N ILE C 25 -2.76 -17.71 10.62
CA ILE C 25 -3.02 -16.83 11.75
C ILE C 25 -4.42 -16.28 11.60
N LEU C 26 -5.26 -16.49 12.61
CA LEU C 26 -6.64 -16.01 12.60
C LEU C 26 -6.72 -14.81 13.54
N GLN C 27 -6.65 -13.61 12.98
CA GLN C 27 -6.73 -12.40 13.77
C GLN C 27 -8.17 -12.05 14.09
N CYS C 28 -8.37 -11.49 15.27
CA CYS C 28 -9.70 -11.12 15.75
C CYS C 28 -9.60 -9.73 16.36
N TRP C 29 -10.15 -8.73 15.69
CA TRP C 29 -9.97 -7.34 16.10
C TRP C 29 -11.30 -6.61 16.14
N SER C 30 -11.31 -5.49 16.87
CA SER C 30 -12.43 -4.59 16.97
C SER C 30 -11.96 -3.32 17.66
N ASP C 31 -12.74 -2.25 17.52
CA ASP C 31 -12.45 -1.02 18.23
C ASP C 31 -12.92 -1.06 19.68
N VAL C 32 -13.58 -2.14 20.09
CA VAL C 32 -14.05 -2.30 21.46
C VAL C 32 -12.93 -2.94 22.29
N ARG C 33 -12.64 -2.35 23.45
CA ARG C 33 -11.59 -2.85 24.34
C ARG C 33 -11.97 -4.24 24.85
N PHE C 34 -11.73 -5.24 24.03
CA PHE C 34 -11.98 -6.63 24.40
C PHE C 34 -10.72 -7.16 25.09
N GLU C 35 -10.79 -7.35 26.40
CA GLU C 35 -9.66 -7.92 27.13
C GLU C 35 -9.52 -9.42 26.93
N HIS C 36 -10.51 -10.06 26.30
CA HIS C 36 -10.49 -11.50 26.08
C HIS C 36 -11.14 -11.83 24.75
N PHE C 37 -10.52 -12.73 24.00
CA PHE C 37 -11.01 -13.15 22.70
C PHE C 37 -11.18 -14.66 22.68
N LEU C 38 -12.32 -15.12 22.16
CA LEU C 38 -12.63 -16.54 22.07
C LEU C 38 -12.82 -16.92 20.62
N LEU C 39 -12.01 -17.85 20.13
CA LEU C 39 -12.14 -18.37 18.78
C LEU C 39 -12.82 -19.73 18.83
N HIS C 40 -13.86 -19.90 18.01
CA HIS C 40 -14.65 -21.12 18.01
C HIS C 40 -14.75 -21.67 16.59
N ARG C 41 -14.57 -22.99 16.47
CA ARG C 41 -14.73 -23.70 15.20
C ARG C 41 -15.84 -24.71 15.36
N GLU C 42 -16.83 -24.66 14.47
CA GLU C 42 -17.96 -25.57 14.49
C GLU C 42 -17.67 -26.80 13.64
N GLY C 43 -18.50 -27.82 13.82
CA GLY C 43 -18.49 -29.00 12.97
C GLY C 43 -18.23 -30.27 13.77
N LYS C 44 -17.34 -31.10 13.24
CA LYS C 44 -17.06 -32.41 13.84
C LYS C 44 -15.98 -32.34 14.90
N PHE C 45 -15.05 -31.40 14.76
CA PHE C 45 -13.98 -31.22 15.74
C PHE C 45 -14.14 -29.87 16.42
N LYS C 46 -15.28 -29.67 17.08
CA LYS C 46 -15.58 -28.40 17.72
C LYS C 46 -14.52 -28.08 18.78
N ASP C 47 -14.07 -26.84 18.78
CA ASP C 47 -13.05 -26.41 19.73
C ASP C 47 -13.19 -24.90 19.97
N THR C 48 -12.74 -24.47 21.14
CA THR C 48 -12.72 -23.06 21.50
C THR C 48 -11.37 -22.72 22.08
N LEU C 49 -10.81 -21.60 21.65
CA LEU C 49 -9.52 -21.11 22.16
C LEU C 49 -9.74 -19.76 22.82
N HIS C 50 -8.90 -19.46 23.82
CA HIS C 50 -8.95 -18.20 24.53
C HIS C 50 -7.59 -17.53 24.47
N LEU C 51 -7.56 -16.32 23.92
CA LEU C 51 -6.37 -15.48 23.91
C LEU C 51 -6.71 -14.14 24.52
N ILE C 52 -5.76 -13.56 25.24
CA ILE C 52 -5.97 -12.24 25.80
C ILE C 52 -5.90 -11.19 24.69
N GLY C 53 -6.46 -10.02 24.96
CA GLY C 53 -6.50 -8.93 24.00
C GLY C 53 -5.36 -7.95 24.24
N GLU C 54 -4.61 -7.67 23.17
CA GLU C 54 -3.58 -6.66 23.20
C GLU C 54 -4.12 -5.38 22.56
N HIS C 55 -3.89 -4.25 23.21
CA HIS C 55 -4.48 -2.98 22.82
C HIS C 55 -3.39 -2.03 22.36
N HIS C 56 -3.50 -1.59 21.10
CA HIS C 56 -2.58 -0.63 20.52
C HIS C 56 -3.31 0.08 19.39
N ASP C 57 -3.21 1.40 19.34
CA ASP C 57 -3.92 2.23 18.35
C ASP C 57 -5.42 2.07 18.59
N GLY C 58 -5.81 2.10 19.87
CA GLY C 58 -7.16 1.88 20.37
C GLY C 58 -7.93 0.77 19.68
N VAL C 59 -7.20 -0.22 19.16
CA VAL C 59 -7.79 -1.45 18.67
C VAL C 59 -7.30 -2.61 19.53
N SER C 60 -8.14 -3.62 19.65
CA SER C 60 -7.84 -4.80 20.46
C SER C 60 -7.90 -6.02 19.55
N LYS C 61 -6.79 -6.74 19.46
CA LYS C 61 -6.66 -7.87 18.56
C LYS C 61 -6.03 -9.05 19.28
N ALA C 62 -6.11 -10.22 18.63
CA ALA C 62 -5.51 -11.44 19.13
C ALA C 62 -5.15 -12.32 17.93
N ASN C 63 -3.94 -12.84 17.91
CA ASN C 63 -3.42 -13.60 16.78
C ASN C 63 -3.46 -15.09 17.14
N PHE C 64 -4.51 -15.77 16.69
CA PHE C 64 -4.71 -17.19 16.97
C PHE C 64 -3.92 -18.01 15.95
N SER C 65 -2.81 -18.59 16.40
CA SER C 65 -2.03 -19.48 15.56
C SER C 65 -2.71 -20.84 15.49
N ILE C 66 -3.07 -21.26 14.28
CA ILE C 66 -3.86 -22.47 14.13
C ILE C 66 -2.98 -23.73 14.18
N GLY C 67 -1.72 -23.61 13.77
CA GLY C 67 -0.80 -24.72 13.88
C GLY C 67 -0.76 -25.52 12.61
N PRO C 68 0.14 -26.52 12.55
CA PRO C 68 0.31 -27.32 11.32
C PRO C 68 -1.01 -27.85 10.80
N MET C 69 -1.39 -27.39 9.61
CA MET C 69 -2.75 -27.60 9.11
C MET C 69 -3.02 -29.07 8.85
N MET C 70 -4.05 -29.60 9.50
CA MET C 70 -4.55 -30.94 9.26
C MET C 70 -6.04 -30.85 8.98
N GLN C 71 -6.62 -31.99 8.62
CA GLN C 71 -8.04 -32.01 8.25
C GLN C 71 -8.94 -31.70 9.44
N ASP C 72 -8.52 -32.05 10.64
CA ASP C 72 -9.34 -31.79 11.82
C ASP C 72 -9.38 -30.31 12.21
N LEU C 73 -8.63 -29.45 11.52
CA LEU C 73 -8.63 -28.02 11.79
C LEU C 73 -9.41 -27.23 10.75
N ALA C 74 -9.91 -27.87 9.70
CA ALA C 74 -10.71 -27.19 8.71
C ALA C 74 -12.14 -26.99 9.21
N GLY C 75 -12.76 -25.90 8.76
CA GLY C 75 -14.12 -25.58 9.16
C GLY C 75 -14.34 -24.09 9.19
N THR C 76 -15.55 -23.72 9.60
CA THR C 76 -15.94 -22.33 9.74
C THR C 76 -15.64 -21.84 11.15
N TYR C 77 -14.91 -20.73 11.25
CA TYR C 77 -14.53 -20.15 12.52
C TYR C 77 -15.34 -18.90 12.80
N ARG C 78 -15.73 -18.72 14.07
CA ARG C 78 -16.36 -17.50 14.52
C ARG C 78 -15.58 -16.96 15.71
N CYS C 79 -15.74 -15.66 15.96
CA CYS C 79 -14.97 -15.00 17.01
C CYS C 79 -15.89 -14.21 17.94
N TYR C 80 -15.50 -14.16 19.20
CA TYR C 80 -16.23 -13.45 20.24
C TYR C 80 -15.26 -12.61 21.05
N GLY C 81 -15.78 -11.51 21.59
CA GLY C 81 -14.99 -10.64 22.44
C GLY C 81 -15.65 -10.47 23.80
N SER C 82 -14.82 -10.16 24.80
CA SER C 82 -15.33 -9.97 26.15
C SER C 82 -14.45 -8.95 26.88
N VAL C 83 -15.09 -8.12 27.70
CA VAL C 83 -14.38 -7.15 28.51
C VAL C 83 -14.14 -7.68 29.92
N THR C 84 -15.11 -8.39 30.47
CA THR C 84 -14.99 -9.00 31.80
C THR C 84 -14.66 -10.48 31.66
N HIS C 85 -14.21 -11.06 32.77
CA HIS C 85 -13.78 -12.46 32.79
C HIS C 85 -14.32 -13.27 33.94
N SER C 86 -14.91 -12.65 34.97
CA SER C 86 -15.42 -13.39 36.12
C SER C 86 -16.40 -14.44 35.61
N PRO C 87 -17.47 -14.07 34.88
CA PRO C 87 -17.87 -14.89 33.73
C PRO C 87 -17.59 -14.13 32.45
N TYR C 88 -17.49 -14.81 31.32
CA TYR C 88 -17.32 -14.13 30.05
C TYR C 88 -18.66 -13.56 29.60
N GLN C 89 -18.75 -12.23 29.50
CA GLN C 89 -19.90 -11.59 28.88
C GLN C 89 -19.61 -11.46 27.39
N LEU C 90 -19.86 -12.54 26.68
CA LEU C 90 -19.44 -12.66 25.29
C LEU C 90 -20.23 -11.70 24.39
N SER C 91 -19.54 -11.18 23.39
CA SER C 91 -20.15 -10.28 22.41
C SER C 91 -20.95 -11.08 21.39
N ALA C 92 -21.50 -10.38 20.41
CA ALA C 92 -22.10 -11.05 19.27
C ALA C 92 -21.03 -11.77 18.48
N PRO C 93 -21.38 -12.84 17.77
CA PRO C 93 -20.36 -13.56 17.00
C PRO C 93 -19.90 -12.76 15.80
N SER C 94 -18.63 -12.96 15.44
CA SER C 94 -18.10 -12.38 14.22
C SER C 94 -18.73 -13.05 13.01
N ASP C 95 -18.43 -12.51 11.82
CA ASP C 95 -18.84 -13.17 10.60
C ASP C 95 -18.13 -14.51 10.48
N PRO C 96 -18.80 -15.55 9.99
CA PRO C 96 -18.13 -16.84 9.84
C PRO C 96 -17.07 -16.79 8.76
N LEU C 97 -15.98 -17.52 8.99
CA LEU C 97 -14.86 -17.60 8.07
C LEU C 97 -14.50 -19.06 7.87
N ASP C 98 -14.73 -19.57 6.66
CA ASP C 98 -14.52 -20.98 6.36
C ASP C 98 -13.05 -21.22 6.02
N ILE C 99 -12.35 -21.93 6.90
CA ILE C 99 -10.94 -22.26 6.71
C ILE C 99 -10.86 -23.64 6.08
N VAL C 100 -10.24 -23.72 4.90
CA VAL C 100 -10.13 -24.97 4.17
C VAL C 100 -8.68 -25.41 4.13
N ILE C 101 -8.49 -26.72 3.94
CA ILE C 101 -7.16 -27.32 3.82
C ILE C 101 -7.01 -27.85 2.41
N THR C 102 -5.87 -27.56 1.79
CA THR C 102 -5.62 -27.87 0.40
C THR C 102 -4.43 -28.80 0.26
N GLY C 103 -4.32 -29.43 -0.90
CA GLY C 103 -3.20 -30.29 -1.21
C GLY C 103 -3.33 -31.74 -0.77
N LEU C 104 -4.55 -32.20 -0.44
CA LEU C 104 -4.73 -33.57 0.00
C LEU C 104 -4.97 -34.55 -1.13
N TYR C 105 -5.42 -34.09 -2.30
CA TYR C 105 -5.80 -34.98 -3.38
C TYR C 105 -5.21 -34.47 -4.69
N GLU C 106 -5.28 -35.34 -5.71
CA GLU C 106 -4.68 -35.05 -7.00
C GLU C 106 -5.31 -33.81 -7.64
N LYS C 107 -4.47 -32.99 -8.27
CA LYS C 107 -4.96 -31.76 -8.85
C LYS C 107 -5.81 -32.04 -10.10
N PRO C 108 -6.84 -31.23 -10.33
CA PRO C 108 -7.71 -31.46 -11.50
C PRO C 108 -7.29 -30.67 -12.73
N SER C 109 -8.04 -30.81 -13.82
CA SER C 109 -7.75 -30.14 -15.07
C SER C 109 -8.70 -28.96 -15.27
N LEU C 110 -8.15 -27.80 -15.60
CA LEU C 110 -8.91 -26.59 -15.82
C LEU C 110 -8.84 -26.23 -17.31
N SER C 111 -9.92 -26.53 -18.04
CA SER C 111 -10.01 -26.26 -19.46
C SER C 111 -11.00 -25.13 -19.71
N ALA C 112 -10.79 -24.40 -20.81
CA ALA C 112 -11.62 -23.27 -21.18
C ALA C 112 -12.36 -23.54 -22.47
N GLN C 113 -13.65 -23.23 -22.49
CA GLN C 113 -14.50 -23.34 -23.67
C GLN C 113 -15.09 -21.98 -24.00
N PRO C 114 -15.07 -21.54 -25.26
CA PRO C 114 -14.56 -22.21 -26.47
C PRO C 114 -13.04 -22.35 -26.51
N GLY C 115 -12.31 -21.67 -25.64
CA GLY C 115 -10.87 -21.80 -25.61
C GLY C 115 -10.22 -20.83 -24.64
N PRO C 116 -8.89 -20.87 -24.56
CA PRO C 116 -8.20 -19.94 -23.65
C PRO C 116 -8.18 -18.51 -24.14
N THR C 117 -8.17 -18.31 -25.46
CA THR C 117 -8.26 -16.98 -26.05
C THR C 117 -9.63 -16.84 -26.69
N VAL C 118 -10.47 -15.99 -26.09
CA VAL C 118 -11.85 -15.80 -26.51
C VAL C 118 -12.01 -14.35 -26.96
N LEU C 119 -12.99 -14.10 -27.82
CA LEU C 119 -13.27 -12.74 -28.25
C LEU C 119 -14.39 -12.13 -27.42
N ALA C 120 -14.38 -10.81 -27.31
CA ALA C 120 -15.27 -10.10 -26.40
C ALA C 120 -16.73 -10.35 -26.75
N GLY C 121 -17.56 -10.46 -25.71
CA GLY C 121 -18.98 -10.72 -25.86
C GLY C 121 -19.35 -12.19 -25.88
N GLU C 122 -18.45 -13.04 -26.35
CA GLU C 122 -18.73 -14.47 -26.43
C GLU C 122 -18.91 -15.08 -25.04
N SER C 123 -19.77 -16.09 -24.96
CA SER C 123 -19.96 -16.80 -23.72
C SER C 123 -18.78 -17.74 -23.48
N VAL C 124 -18.35 -17.83 -22.22
CA VAL C 124 -17.21 -18.65 -21.84
C VAL C 124 -17.63 -19.56 -20.69
N THR C 125 -17.31 -20.84 -20.82
CA THR C 125 -17.60 -21.84 -19.78
C THR C 125 -16.32 -22.59 -19.45
N LEU C 126 -15.92 -22.54 -18.18
CA LEU C 126 -14.76 -23.28 -17.72
C LEU C 126 -15.17 -24.66 -17.21
N SER C 127 -14.30 -25.64 -17.44
CA SER C 127 -14.58 -27.03 -17.09
C SER C 127 -13.49 -27.54 -16.17
N CYS C 128 -13.90 -28.17 -15.08
CA CYS C 128 -13.00 -28.73 -14.06
C CYS C 128 -13.06 -30.24 -14.13
N SER C 129 -12.11 -30.84 -14.84
CA SER C 129 -12.11 -32.28 -15.06
C SER C 129 -11.07 -32.96 -14.18
N SER C 130 -11.32 -34.25 -13.92
CA SER C 130 -10.40 -35.10 -13.17
C SER C 130 -10.87 -36.54 -13.25
N ARG C 131 -9.92 -37.48 -13.36
CA ARG C 131 -10.26 -38.89 -13.28
C ARG C 131 -10.58 -39.31 -11.84
N SER C 132 -10.18 -38.50 -10.86
CA SER C 132 -10.62 -38.72 -9.49
C SER C 132 -12.07 -38.29 -9.35
N SER C 133 -12.85 -39.09 -8.62
CA SER C 133 -14.29 -38.92 -8.53
C SER C 133 -14.66 -37.87 -7.47
N TYR C 134 -14.20 -36.65 -7.70
CA TYR C 134 -14.59 -35.54 -6.84
C TYR C 134 -16.09 -35.29 -6.96
N ASP C 135 -16.74 -35.01 -5.82
CA ASP C 135 -18.17 -34.73 -5.84
C ASP C 135 -18.48 -33.29 -6.24
N MET C 136 -17.54 -32.37 -6.08
CA MET C 136 -17.78 -30.97 -6.38
C MET C 136 -16.46 -30.29 -6.68
N TYR C 137 -16.55 -29.14 -7.35
CA TYR C 137 -15.38 -28.37 -7.73
C TYR C 137 -15.52 -26.94 -7.26
N HIS C 138 -14.39 -26.31 -6.97
CA HIS C 138 -14.34 -24.92 -6.52
C HIS C 138 -13.47 -24.13 -7.48
N LEU C 139 -14.04 -23.07 -8.06
CA LEU C 139 -13.35 -22.24 -9.04
C LEU C 139 -13.29 -20.81 -8.55
N SER C 140 -12.14 -20.17 -8.76
CA SER C 140 -11.95 -18.77 -8.35
C SER C 140 -11.06 -18.07 -9.35
N ARG C 141 -11.42 -16.83 -9.68
CA ARG C 141 -10.58 -15.97 -10.49
C ARG C 141 -9.58 -15.25 -9.58
N GLU C 142 -8.40 -14.95 -10.14
CA GLU C 142 -7.34 -14.29 -9.41
C GLU C 142 -7.86 -13.08 -8.66
N GLY C 143 -7.78 -13.12 -7.34
CA GLY C 143 -8.10 -11.98 -6.51
C GLY C 143 -9.59 -11.80 -6.28
N GLU C 144 -10.37 -11.91 -7.35
CA GLU C 144 -11.82 -11.72 -7.24
C GLU C 144 -12.43 -12.71 -6.26
N ALA C 145 -11.80 -13.87 -6.09
CA ALA C 145 -12.17 -14.86 -5.07
C ALA C 145 -13.62 -15.26 -5.29
N HIS C 146 -14.46 -15.32 -4.25
CA HIS C 146 -15.85 -15.78 -4.37
C HIS C 146 -15.90 -17.13 -5.08
N GLU C 147 -15.29 -18.13 -4.45
CA GLU C 147 -15.16 -19.44 -5.05
C GLU C 147 -16.52 -20.02 -5.38
N CYS C 148 -16.73 -20.35 -6.66
CA CYS C 148 -17.97 -20.96 -7.10
C CYS C 148 -17.91 -22.47 -6.89
N ARG C 149 -19.05 -23.07 -6.53
CA ARG C 149 -19.12 -24.49 -6.24
C ARG C 149 -20.19 -25.14 -7.12
N PHE C 150 -19.78 -26.14 -7.90
CA PHE C 150 -20.68 -26.93 -8.72
C PHE C 150 -20.40 -28.41 -8.46
N SER C 151 -21.39 -29.25 -8.78
CA SER C 151 -21.25 -30.69 -8.59
C SER C 151 -20.73 -31.33 -9.88
N ALA C 152 -20.46 -32.63 -9.82
CA ALA C 152 -19.78 -33.34 -10.89
C ALA C 152 -20.69 -34.40 -11.50
N GLY C 153 -20.11 -35.25 -12.36
CA GLY C 153 -20.81 -36.35 -12.97
C GLY C 153 -19.85 -37.34 -13.61
N PRO C 154 -20.16 -38.65 -13.51
CA PRO C 154 -19.25 -39.67 -14.07
C PRO C 154 -19.36 -39.78 -15.59
N LYS C 155 -18.46 -39.09 -16.30
CA LYS C 155 -18.53 -39.05 -17.75
C LYS C 155 -18.12 -40.39 -18.36
N VAL C 156 -18.20 -40.46 -19.69
CA VAL C 156 -17.98 -41.72 -20.39
C VAL C 156 -16.52 -42.14 -20.31
N ASN C 157 -15.61 -41.22 -20.61
CA ASN C 157 -14.17 -41.51 -20.59
C ASN C 157 -13.60 -41.63 -19.18
N GLY C 158 -14.43 -41.77 -18.16
CA GLY C 158 -13.93 -41.98 -16.81
C GLY C 158 -13.64 -40.73 -16.00
N THR C 159 -13.95 -39.55 -16.53
CA THR C 159 -13.67 -38.32 -15.83
C THR C 159 -14.92 -37.83 -15.08
N PHE C 160 -14.68 -37.07 -14.02
CA PHE C 160 -15.72 -36.39 -13.27
C PHE C 160 -15.47 -34.90 -13.39
N GLN C 161 -16.45 -34.16 -13.92
CA GLN C 161 -16.22 -32.77 -14.26
C GLN C 161 -17.43 -31.92 -13.92
N ALA C 162 -17.19 -30.61 -13.86
CA ALA C 162 -18.22 -29.60 -13.63
C ALA C 162 -18.01 -28.45 -14.60
N ASP C 163 -19.11 -27.86 -15.07
CA ASP C 163 -19.06 -26.74 -15.99
C ASP C 163 -19.42 -25.46 -15.25
N PHE C 164 -18.64 -24.41 -15.48
CA PHE C 164 -18.81 -23.11 -14.82
C PHE C 164 -19.08 -22.04 -15.88
N PRO C 165 -20.34 -21.82 -16.24
CA PRO C 165 -20.65 -20.74 -17.18
C PRO C 165 -20.32 -19.38 -16.58
N LEU C 166 -19.58 -18.57 -17.34
CA LEU C 166 -19.08 -17.29 -16.85
C LEU C 166 -19.76 -16.08 -17.48
N GLY C 167 -20.57 -16.27 -18.51
CA GLY C 167 -21.24 -15.16 -19.16
C GLY C 167 -20.40 -14.52 -20.23
N PRO C 168 -20.87 -13.38 -20.75
CA PRO C 168 -20.10 -12.65 -21.76
C PRO C 168 -18.67 -12.36 -21.30
N ALA C 169 -17.72 -12.67 -22.19
CA ALA C 169 -16.31 -12.45 -21.89
C ALA C 169 -16.01 -10.96 -21.89
N THR C 170 -15.49 -10.46 -20.77
CA THR C 170 -15.20 -9.04 -20.65
C THR C 170 -13.69 -8.77 -20.70
N HIS C 171 -12.99 -9.09 -19.60
CA HIS C 171 -11.56 -8.84 -19.51
C HIS C 171 -10.74 -10.09 -19.24
N GLY C 172 -11.38 -11.24 -19.02
CA GLY C 172 -10.63 -12.46 -18.77
C GLY C 172 -10.08 -12.52 -17.35
N GLY C 173 -8.98 -13.24 -17.19
CA GLY C 173 -8.33 -13.37 -15.90
C GLY C 173 -7.70 -14.74 -15.76
N THR C 174 -7.13 -14.96 -14.58
CA THR C 174 -6.48 -16.22 -14.25
C THR C 174 -7.34 -16.96 -13.22
N TYR C 175 -7.64 -18.23 -13.52
CA TYR C 175 -8.58 -19.01 -12.73
C TYR C 175 -7.89 -20.24 -12.16
N ARG C 176 -8.35 -20.66 -10.98
CA ARG C 176 -7.86 -21.86 -10.31
C ARG C 176 -9.04 -22.75 -9.97
N CYS C 177 -8.77 -24.05 -9.85
CA CYS C 177 -9.80 -25.05 -9.63
C CYS C 177 -9.36 -26.05 -8.58
N PHE C 178 -10.30 -26.44 -7.72
CA PHE C 178 -10.04 -27.41 -6.66
C PHE C 178 -11.14 -28.47 -6.69
N GLY C 179 -10.81 -29.65 -6.16
CA GLY C 179 -11.78 -30.72 -6.02
C GLY C 179 -11.95 -31.10 -4.56
N SER C 180 -13.15 -31.57 -4.22
CA SER C 180 -13.45 -31.98 -2.85
C SER C 180 -14.55 -33.04 -2.88
N PHE C 181 -14.90 -33.55 -1.70
CA PHE C 181 -15.93 -34.57 -1.55
C PHE C 181 -17.06 -34.04 -0.68
N ARG C 182 -18.24 -34.66 -0.86
CA ARG C 182 -19.47 -34.14 -0.26
C ARG C 182 -19.35 -34.00 1.25
N ASP C 183 -18.98 -35.09 1.94
CA ASP C 183 -18.94 -35.10 3.39
C ASP C 183 -17.87 -34.18 3.97
N SER C 184 -16.98 -33.63 3.15
CA SER C 184 -15.86 -32.81 3.62
C SER C 184 -15.71 -31.61 2.69
N PRO C 185 -16.55 -30.58 2.86
CA PRO C 185 -16.50 -29.43 1.94
C PRO C 185 -15.33 -28.49 2.19
N TYR C 186 -14.55 -28.70 3.24
CA TYR C 186 -13.43 -27.83 3.56
C TYR C 186 -12.09 -28.53 3.39
N GLU C 187 -12.07 -29.65 2.68
CA GLU C 187 -10.85 -30.44 2.45
C GLU C 187 -10.64 -30.54 0.94
N TRP C 188 -9.80 -29.67 0.40
CA TRP C 188 -9.63 -29.52 -1.04
C TRP C 188 -8.35 -30.19 -1.51
N SER C 189 -8.30 -30.44 -2.82
CA SER C 189 -7.19 -31.14 -3.45
C SER C 189 -6.05 -30.16 -3.72
N ASN C 190 -5.01 -30.66 -4.40
CA ASN C 190 -4.01 -29.77 -4.97
C ASN C 190 -4.66 -28.82 -5.95
N SER C 191 -4.16 -27.60 -6.01
CA SER C 191 -4.73 -26.61 -6.92
C SER C 191 -4.43 -26.98 -8.36
N SER C 192 -5.42 -26.78 -9.22
CA SER C 192 -5.22 -27.01 -10.64
C SER C 192 -4.22 -26.01 -11.19
N ASP C 193 -3.74 -26.28 -12.39
CA ASP C 193 -2.82 -25.35 -13.06
C ASP C 193 -3.56 -24.05 -13.35
N PRO C 194 -2.99 -22.90 -13.00
CA PRO C 194 -3.68 -21.63 -13.27
C PRO C 194 -3.94 -21.46 -14.76
N LEU C 195 -5.21 -21.19 -15.09
CA LEU C 195 -5.65 -21.05 -16.47
C LEU C 195 -5.84 -19.58 -16.79
N LEU C 196 -5.15 -19.10 -17.81
CA LEU C 196 -5.24 -17.71 -18.24
C LEU C 196 -6.22 -17.61 -19.40
N VAL C 197 -7.21 -16.73 -19.25
CA VAL C 197 -8.21 -16.48 -20.29
C VAL C 197 -7.97 -15.08 -20.82
N SER C 198 -7.69 -15.00 -22.13
CA SER C 198 -7.40 -13.73 -22.79
C SER C 198 -8.56 -13.34 -23.70
N VAL C 199 -8.78 -12.04 -23.83
CA VAL C 199 -9.89 -11.51 -24.61
C VAL C 199 -9.35 -10.60 -25.71
N ILE C 200 -9.93 -10.72 -26.90
CA ILE C 200 -9.59 -9.87 -28.03
C ILE C 200 -10.87 -9.33 -28.64
N GLY C 201 -10.71 -8.41 -29.60
CA GLY C 201 -11.86 -7.76 -30.19
C GLY C 201 -12.61 -8.64 -31.16
N ASN C 202 -13.87 -8.29 -31.38
CA ASN C 202 -14.71 -9.01 -32.35
C ASN C 202 -14.36 -8.53 -33.76
N PRO C 203 -14.17 -9.45 -34.71
CA PRO C 203 -13.61 -9.08 -36.02
C PRO C 203 -14.52 -8.14 -36.81
N SER C 204 -14.01 -6.96 -37.11
CA SER C 204 -14.54 -6.07 -38.13
C SER C 204 -13.55 -4.93 -38.35
N ASN D 1 5.16 23.09 15.75
CA ASN D 1 3.82 23.63 15.60
C ASN D 1 3.50 23.89 14.13
N ARG D 2 2.23 23.73 13.77
CA ARG D 2 1.78 24.02 12.43
C ARG D 2 1.46 25.50 12.28
N PHE D 3 1.19 25.91 11.04
CA PHE D 3 0.77 27.28 10.78
C PHE D 3 -0.68 27.46 11.22
N ALA D 4 -0.94 28.56 11.93
CA ALA D 4 -2.31 28.90 12.32
C ALA D 4 -3.23 28.98 11.11
N GLY D 5 -2.69 29.34 9.95
CA GLY D 5 -3.50 29.46 8.76
C GLY D 5 -4.25 30.77 8.69
N PHE D 6 -4.36 31.32 7.48
CA PHE D 6 -5.11 32.56 7.28
C PHE D 6 -6.59 32.23 7.13
N GLY D 7 -7.42 32.90 7.92
CA GLY D 7 -8.85 32.68 7.86
C GLY D 7 -9.47 32.97 6.51
N ILE D 8 -8.81 33.81 5.69
CA ILE D 8 -9.34 34.15 4.39
C ILE D 8 -9.22 32.97 3.45
N GLY D 9 -10.24 32.80 2.59
CA GLY D 9 -10.21 31.78 1.57
C GLY D 9 -9.76 32.33 0.22
N LEU D 10 -9.81 31.45 -0.78
CA LEU D 10 -9.36 31.80 -2.13
C LEU D 10 -10.53 32.24 -3.01
#